data_7MSF
#
_entry.id   7MSF
#
_cell.length_a   287.500
_cell.length_b   287.500
_cell.length_c   652.100
_cell.angle_alpha   90.00
_cell.angle_beta   90.00
_cell.angle_gamma   120.00
#
_symmetry.space_group_name_H-M   'H 3 2'
#
loop_
_entity.id
_entity.type
_entity.pdbx_description
1 polymer "5'-R(*UP*CP*GP*CP*CP*AP*AP*CP*AP*GP*GP*CP*GP*G)-3'"
2 polymer 'MS2 PROTEIN CAPSID'
3 water water
#
loop_
_entity_poly.entity_id
_entity_poly.type
_entity_poly.pdbx_seq_one_letter_code
_entity_poly.pdbx_strand_id
1 'polyribonucleotide' UCGCCAACAGGCGG R,S
2 'polypeptide(L)'
;ASNFTQFVLVDNGGTGDVTVAPSNFANGVAEWISSNSRSQAYKVTCSVRQSSAQNRKYTIKVEVPKVATQTVGGVELPVA
AWRSYLNMELTIPIFATNSDCELIVKAMQGLLKDGNPIPSAIAANSGIY
;
A,B,C
#
# COMPACT_ATOMS: atom_id res chain seq x y z
N ALA C 1 -8.58 11.46 -2.53
CA ALA C 1 -8.08 11.50 -1.14
C ALA C 1 -7.04 10.41 -0.87
N SER C 2 -6.71 10.27 0.41
CA SER C 2 -5.74 9.30 0.90
C SER C 2 -5.47 9.83 2.29
N ASN C 3 -5.70 9.03 3.32
CA ASN C 3 -5.49 9.49 4.68
C ASN C 3 -4.08 9.29 5.18
N PHE C 4 -3.21 8.72 4.34
CA PHE C 4 -1.82 8.49 4.73
C PHE C 4 -1.04 9.78 4.50
N THR C 5 -1.26 10.76 5.36
CA THR C 5 -0.59 12.04 5.25
C THR C 5 0.17 12.37 6.52
N GLN C 6 1.10 13.32 6.41
CA GLN C 6 1.88 13.72 7.57
C GLN C 6 0.97 14.55 8.47
N PHE C 7 1.29 14.61 9.75
CA PHE C 7 0.50 15.39 10.68
C PHE C 7 1.35 15.81 11.87
N VAL C 8 0.86 16.79 12.64
CA VAL C 8 1.58 17.27 13.80
C VAL C 8 1.25 16.42 15.01
N LEU C 9 2.24 15.67 15.47
CA LEU C 9 2.05 14.79 16.61
C LEU C 9 2.08 15.57 17.92
N VAL C 10 2.99 16.54 18.00
CA VAL C 10 3.13 17.37 19.19
C VAL C 10 3.02 18.83 18.82
N ASP C 11 1.95 19.47 19.27
CA ASP C 11 1.72 20.89 18.99
C ASP C 11 2.34 21.75 20.07
N ASN C 12 3.41 22.44 19.72
CA ASN C 12 4.10 23.31 20.64
C ASN C 12 3.93 24.76 20.21
N GLY C 13 2.82 25.04 19.54
CA GLY C 13 2.52 26.38 19.08
C GLY C 13 3.33 26.87 17.90
N GLY C 14 3.47 26.03 16.87
CA GLY C 14 4.23 26.43 15.70
C GLY C 14 5.74 26.38 15.82
N THR C 15 6.25 26.55 17.04
CA THR C 15 7.69 26.53 17.29
C THR C 15 8.11 25.35 18.16
N GLY C 16 8.81 24.39 17.56
CA GLY C 16 9.23 23.22 18.30
C GLY C 16 8.23 22.10 18.09
N ASP C 17 7.41 22.26 17.07
CA ASP C 17 6.38 21.30 16.71
C ASP C 17 6.99 20.01 16.21
N VAL C 18 6.49 18.88 16.69
CA VAL C 18 6.98 17.60 16.22
C VAL C 18 5.99 17.12 15.18
N THR C 19 6.50 16.90 13.97
CA THR C 19 5.69 16.44 12.87
C THR C 19 6.18 15.07 12.44
N VAL C 20 5.25 14.18 12.11
CA VAL C 20 5.61 12.85 11.65
C VAL C 20 5.07 12.70 10.23
N ALA C 21 5.81 12.00 9.38
CA ALA C 21 5.40 11.81 8.01
C ALA C 21 5.43 10.35 7.60
N PRO C 22 4.60 9.97 6.63
CA PRO C 22 4.55 8.58 6.17
C PRO C 22 5.96 8.12 5.84
N SER C 23 6.34 6.94 6.33
CA SER C 23 7.68 6.43 6.08
C SER C 23 7.65 4.98 5.62
N ASN C 24 6.52 4.31 5.83
CA ASN C 24 6.43 2.92 5.42
C ASN C 24 5.03 2.32 5.51
N PHE C 25 4.76 1.36 4.64
CA PHE C 25 3.47 0.67 4.62
C PHE C 25 3.66 -0.82 4.36
N ALA C 26 4.88 -1.29 4.57
CA ALA C 26 5.22 -2.70 4.37
C ALA C 26 4.45 -3.59 5.35
N ASN C 27 3.98 -4.73 4.85
CA ASN C 27 3.24 -5.68 5.67
C ASN C 27 1.97 -5.11 6.31
N GLY C 28 1.32 -4.21 5.59
CA GLY C 28 0.09 -3.63 6.08
C GLY C 28 0.18 -2.83 7.37
N VAL C 29 1.36 -2.35 7.72
CA VAL C 29 1.51 -1.55 8.92
C VAL C 29 1.92 -0.15 8.51
N ALA C 30 0.98 0.79 8.56
CA ALA C 30 1.28 2.16 8.21
C ALA C 30 2.22 2.73 9.26
N GLU C 31 3.24 3.45 8.80
CA GLU C 31 4.20 4.05 9.71
C GLU C 31 4.57 5.50 9.39
N TRP C 32 4.73 6.29 10.45
CA TRP C 32 5.11 7.69 10.34
C TRP C 32 6.31 7.85 11.26
N ILE C 33 7.21 8.78 10.93
CA ILE C 33 8.36 9.05 11.78
C ILE C 33 8.69 10.53 11.67
N SER C 34 9.34 11.06 12.70
CA SER C 34 9.74 12.47 12.71
C SER C 34 10.99 12.61 11.87
N SER C 35 11.24 13.81 11.39
CA SER C 35 12.41 14.09 10.58
C SER C 35 13.69 14.01 11.40
N ASN C 36 14.03 12.79 11.84
CA ASN C 36 15.21 12.58 12.66
C ASN C 36 15.95 11.33 12.20
N SER C 37 17.04 11.03 12.90
CA SER C 37 17.80 9.84 12.60
C SER C 37 16.89 8.75 13.15
N ARG C 38 16.87 7.62 12.48
CA ARG C 38 16.04 6.50 12.89
C ARG C 38 16.21 6.19 14.39
N SER C 39 17.38 6.52 14.94
CA SER C 39 17.66 6.26 16.34
C SER C 39 17.02 7.27 17.32
N GLN C 40 16.72 8.47 16.84
CA GLN C 40 16.12 9.49 17.71
C GLN C 40 14.72 9.91 17.27
N ALA C 41 14.14 9.18 16.33
CA ALA C 41 12.84 9.57 15.80
C ALA C 41 11.61 9.18 16.62
N TYR C 42 10.57 9.98 16.47
CA TYR C 42 9.28 9.72 17.10
C TYR C 42 8.70 8.72 16.11
N LYS C 43 8.00 7.71 16.58
CA LYS C 43 7.45 6.72 15.67
C LYS C 43 5.99 6.44 15.96
N VAL C 44 5.18 6.40 14.89
CA VAL C 44 3.76 6.11 15.02
C VAL C 44 3.41 5.05 14.00
N THR C 45 2.77 3.97 14.44
CA THR C 45 2.36 2.91 13.53
C THR C 45 0.89 2.60 13.75
N CYS C 46 0.26 2.05 12.72
CA CYS C 46 -1.16 1.73 12.81
C CYS C 46 -1.54 0.62 11.84
N SER C 47 -2.45 -0.25 12.28
CA SER C 47 -2.91 -1.35 11.45
C SER C 47 -4.32 -1.79 11.86
N VAL C 48 -5.07 -2.30 10.89
CA VAL C 48 -6.42 -2.80 11.12
C VAL C 48 -6.50 -4.21 10.61
N ARG C 49 -7.23 -5.06 11.32
CA ARG C 49 -7.38 -6.43 10.90
C ARG C 49 -8.74 -6.91 11.38
N GLN C 50 -9.32 -7.86 10.66
CA GLN C 50 -10.62 -8.40 11.06
C GLN C 50 -10.33 -9.52 12.06
N SER C 51 -10.21 -9.16 13.34
CA SER C 51 -9.91 -10.09 14.42
C SER C 51 -10.82 -11.32 14.48
N SER C 52 -12.11 -11.09 14.70
CA SER C 52 -13.07 -12.19 14.75
C SER C 52 -13.91 -12.05 13.49
N ALA C 53 -14.95 -12.86 13.38
CA ALA C 53 -15.82 -12.78 12.22
C ALA C 53 -16.68 -11.52 12.32
N GLN C 54 -16.84 -11.00 13.53
CA GLN C 54 -17.66 -9.83 13.76
C GLN C 54 -16.98 -8.63 14.40
N ASN C 55 -15.65 -8.65 14.43
CA ASN C 55 -14.90 -7.55 15.02
C ASN C 55 -13.79 -7.10 14.11
N ARG C 56 -13.40 -5.83 14.28
CA ARG C 56 -12.29 -5.28 13.54
C ARG C 56 -11.44 -4.68 14.64
N LYS C 57 -10.13 -4.87 14.55
CA LYS C 57 -9.24 -4.36 15.57
C LYS C 57 -8.18 -3.42 15.03
N TYR C 58 -8.04 -2.27 15.67
CA TYR C 58 -7.05 -1.29 15.27
C TYR C 58 -5.93 -1.40 16.27
N THR C 59 -4.69 -1.42 15.79
CA THR C 59 -3.54 -1.48 16.68
C THR C 59 -2.69 -0.28 16.37
N ILE C 60 -2.60 0.62 17.35
CA ILE C 60 -1.85 1.85 17.21
C ILE C 60 -0.70 1.89 18.21
N LYS C 61 0.45 2.37 17.75
CA LYS C 61 1.63 2.49 18.61
C LYS C 61 2.32 3.82 18.40
N VAL C 62 2.77 4.41 19.50
CA VAL C 62 3.47 5.68 19.45
C VAL C 62 4.71 5.56 20.33
N GLU C 63 5.83 6.08 19.84
CA GLU C 63 7.08 6.04 20.58
C GLU C 63 7.60 7.45 20.76
N VAL C 64 7.70 7.88 22.01
CA VAL C 64 8.20 9.22 22.30
C VAL C 64 9.60 9.04 22.87
N PRO C 65 10.62 9.52 22.12
CA PRO C 65 12.01 9.40 22.56
C PRO C 65 12.52 10.58 23.37
N LYS C 66 13.51 10.30 24.20
CA LYS C 66 14.19 11.31 25.01
C LYS C 66 15.57 11.38 24.34
N VAL C 67 15.72 12.32 23.41
CA VAL C 67 16.97 12.48 22.67
C VAL C 67 18.17 12.82 23.52
N ALA C 68 19.31 12.26 23.15
CA ALA C 68 20.56 12.47 23.87
C ALA C 68 21.72 12.17 22.93
N THR C 69 22.92 12.61 23.32
CA THR C 69 24.11 12.37 22.53
C THR C 69 25.07 11.52 23.37
N GLN C 70 25.19 10.26 23.01
CA GLN C 70 26.05 9.35 23.73
C GLN C 70 27.43 9.22 23.11
N THR C 71 28.43 8.98 23.96
CA THR C 71 29.80 8.83 23.52
C THR C 71 30.24 7.37 23.63
N VAL C 72 30.18 6.66 22.51
CA VAL C 72 30.57 5.25 22.47
C VAL C 72 31.92 5.11 21.76
N GLY C 73 32.91 4.59 22.50
CA GLY C 73 34.23 4.41 21.91
C GLY C 73 34.90 5.73 21.55
N GLY C 74 34.63 6.78 22.32
CA GLY C 74 35.23 8.07 22.07
C GLY C 74 34.56 8.87 20.97
N VAL C 75 33.53 8.31 20.36
CA VAL C 75 32.80 8.95 19.27
C VAL C 75 31.37 9.33 19.70
N GLU C 76 30.91 10.49 19.26
CA GLU C 76 29.56 10.94 19.61
C GLU C 76 28.50 10.49 18.61
N LEU C 77 27.42 9.90 19.13
CA LEU C 77 26.33 9.41 18.29
C LEU C 77 24.97 9.87 18.80
N PRO C 78 24.04 10.15 17.86
CA PRO C 78 22.70 10.60 18.26
C PRO C 78 21.91 9.37 18.71
N VAL C 79 21.42 9.41 19.95
CA VAL C 79 20.66 8.29 20.50
C VAL C 79 19.47 8.75 21.31
N ALA C 80 18.77 7.79 21.91
CA ALA C 80 17.62 8.09 22.74
C ALA C 80 17.95 7.58 24.13
N ALA C 81 17.94 8.48 25.11
CA ALA C 81 18.23 8.09 26.48
C ALA C 81 17.27 6.98 26.88
N TRP C 82 16.00 7.17 26.53
CA TRP C 82 14.96 6.18 26.79
C TRP C 82 13.79 6.52 25.90
N ARG C 83 12.76 5.67 25.91
CA ARG C 83 11.58 5.90 25.09
C ARG C 83 10.32 5.59 25.88
N SER C 84 9.26 6.33 25.59
CA SER C 84 7.98 6.10 26.23
C SER C 84 7.15 5.38 25.17
N TYR C 85 6.50 4.29 25.55
CA TYR C 85 5.70 3.53 24.60
C TYR C 85 4.22 3.56 24.88
N LEU C 86 3.45 3.94 23.87
CA LEU C 86 2.00 3.95 23.99
C LEU C 86 1.51 2.85 23.07
N ASN C 87 0.79 1.89 23.63
CA ASN C 87 0.26 0.80 22.83
C ASN C 87 -1.24 0.77 23.06
N MET C 88 -2.01 0.95 21.99
CA MET C 88 -3.44 0.91 22.14
C MET C 88 -4.11 0.01 21.10
N GLU C 89 -5.15 -0.68 21.55
CA GLU C 89 -5.91 -1.57 20.69
C GLU C 89 -7.37 -1.18 20.80
N LEU C 90 -8.02 -1.04 19.65
CA LEU C 90 -9.42 -0.66 19.60
C LEU C 90 -10.19 -1.71 18.82
N THR C 91 -11.15 -2.35 19.48
CA THR C 91 -11.98 -3.37 18.87
C THR C 91 -13.38 -2.84 18.62
N ILE C 92 -13.78 -2.78 17.36
CA ILE C 92 -15.09 -2.27 16.99
C ILE C 92 -15.90 -3.36 16.28
N PRO C 93 -17.17 -3.54 16.69
CA PRO C 93 -18.01 -4.55 16.04
C PRO C 93 -18.36 -4.10 14.62
N ILE C 94 -18.47 -5.06 13.69
CA ILE C 94 -18.78 -4.73 12.29
C ILE C 94 -20.13 -4.05 12.10
N PHE C 95 -20.97 -4.10 13.14
CA PHE C 95 -22.29 -3.50 13.08
C PHE C 95 -22.26 -2.01 13.38
N ALA C 96 -21.09 -1.50 13.74
CA ALA C 96 -20.94 -0.09 14.06
C ALA C 96 -21.01 0.76 12.80
N THR C 97 -21.89 1.74 12.81
CA THR C 97 -22.02 2.64 11.68
C THR C 97 -20.94 3.70 11.81
N ASN C 98 -20.86 4.62 10.86
CA ASN C 98 -19.85 5.66 10.92
C ASN C 98 -20.11 6.57 12.11
N SER C 99 -21.38 6.87 12.36
CA SER C 99 -21.72 7.72 13.49
C SER C 99 -21.27 7.02 14.77
N ASP C 100 -21.48 5.71 14.81
CA ASP C 100 -21.09 4.92 15.97
C ASP C 100 -19.58 5.13 16.20
N CYS C 101 -18.83 5.10 15.11
CA CYS C 101 -17.38 5.26 15.18
C CYS C 101 -16.94 6.67 15.56
N GLU C 102 -17.66 7.68 15.08
CA GLU C 102 -17.33 9.06 15.40
C GLU C 102 -17.46 9.23 16.91
N LEU C 103 -18.41 8.51 17.49
CA LEU C 103 -18.66 8.53 18.92
C LEU C 103 -17.39 8.07 19.63
N ILE C 104 -16.83 6.97 19.14
CA ILE C 104 -15.61 6.42 19.70
C ILE C 104 -14.48 7.44 19.64
N VAL C 105 -14.27 8.01 18.45
CA VAL C 105 -13.22 9.01 18.28
C VAL C 105 -13.41 10.17 19.25
N LYS C 106 -14.65 10.65 19.38
CA LYS C 106 -14.94 11.74 20.28
C LYS C 106 -14.59 11.35 21.72
N ALA C 107 -15.00 10.16 22.14
CA ALA C 107 -14.71 9.70 23.50
C ALA C 107 -13.21 9.67 23.77
N MET C 108 -12.42 9.20 22.81
CA MET C 108 -10.98 9.15 22.98
C MET C 108 -10.41 10.55 23.10
N GLN C 109 -10.97 11.47 22.33
CA GLN C 109 -10.52 12.85 22.36
C GLN C 109 -10.85 13.47 23.71
N GLY C 110 -12.06 13.22 24.18
CA GLY C 110 -12.47 13.76 25.47
C GLY C 110 -11.66 13.17 26.60
N LEU C 111 -11.36 11.89 26.51
CA LEU C 111 -10.58 11.20 27.53
C LEU C 111 -9.26 11.92 27.80
N LEU C 112 -8.61 12.43 26.76
CA LEU C 112 -7.32 13.09 26.91
C LEU C 112 -7.32 14.62 26.86
N LYS C 113 -8.50 15.24 26.88
CA LYS C 113 -8.56 16.68 26.84
C LYS C 113 -7.86 17.33 28.04
N ASP C 114 -7.19 18.45 27.79
CA ASP C 114 -6.48 19.17 28.85
C ASP C 114 -7.44 19.47 29.99
N GLY C 115 -7.00 19.20 31.22
CA GLY C 115 -7.83 19.48 32.36
C GLY C 115 -8.58 18.29 32.89
N ASN C 116 -8.76 17.26 32.06
CA ASN C 116 -9.49 16.09 32.50
C ASN C 116 -8.60 15.22 33.39
N PRO C 117 -9.21 14.38 34.24
CA PRO C 117 -8.47 13.51 35.17
C PRO C 117 -7.24 12.77 34.64
N ILE C 118 -7.44 11.82 33.73
CA ILE C 118 -6.34 11.04 33.20
C ILE C 118 -5.13 11.84 32.69
N PRO C 119 -5.34 12.76 31.73
CA PRO C 119 -4.15 13.51 31.28
C PRO C 119 -3.48 14.29 32.42
N SER C 120 -4.28 14.75 33.39
CA SER C 120 -3.76 15.48 34.53
C SER C 120 -2.83 14.63 35.37
N ALA C 121 -3.29 13.43 35.70
CA ALA C 121 -2.51 12.50 36.50
C ALA C 121 -1.20 12.15 35.80
N ILE C 122 -1.30 11.77 34.53
CA ILE C 122 -0.12 11.40 33.75
C ILE C 122 0.90 12.53 33.78
N ALA C 123 0.46 13.73 33.43
CA ALA C 123 1.35 14.88 33.40
C ALA C 123 1.96 15.22 34.76
N ALA C 124 1.33 14.75 35.83
CA ALA C 124 1.80 15.05 37.16
C ALA C 124 2.55 13.91 37.81
N ASN C 125 2.82 12.86 37.05
CA ASN C 125 3.54 11.73 37.59
C ASN C 125 2.81 11.19 38.81
N SER C 126 1.49 11.05 38.70
CA SER C 126 0.71 10.56 39.82
C SER C 126 -0.44 9.69 39.38
N GLY C 127 -1.14 9.11 40.36
CA GLY C 127 -2.28 8.28 40.05
C GLY C 127 -3.54 9.10 40.22
N ILE C 128 -4.70 8.44 40.15
CA ILE C 128 -5.96 9.12 40.33
C ILE C 128 -6.42 8.94 41.77
N TYR C 129 -6.99 9.99 42.35
CA TYR C 129 -7.45 9.92 43.74
C TYR C 129 -8.33 11.14 44.08
N ALA D 1 -1.06 7.46 -14.66
CA ALA D 1 -2.39 7.06 -14.10
C ALA D 1 -2.47 7.23 -12.58
N SER D 2 -3.24 6.35 -11.97
CA SER D 2 -3.49 6.30 -10.53
C SER D 2 -4.96 5.94 -10.49
N ASN D 3 -5.24 4.65 -10.60
CA ASN D 3 -6.61 4.16 -10.65
C ASN D 3 -7.32 4.01 -9.30
N PHE D 4 -6.60 4.09 -8.19
CA PHE D 4 -7.25 3.92 -6.90
C PHE D 4 -8.12 5.10 -6.48
N THR D 5 -9.26 5.24 -7.15
CA THR D 5 -10.20 6.31 -6.87
C THR D 5 -11.58 5.73 -6.64
N GLN D 6 -12.49 6.55 -6.13
CA GLN D 6 -13.84 6.08 -5.89
C GLN D 6 -14.58 5.95 -7.21
N PHE D 7 -15.62 5.13 -7.21
CA PHE D 7 -16.41 4.93 -8.42
C PHE D 7 -17.81 4.42 -8.08
N VAL D 8 -18.70 4.49 -9.06
CA VAL D 8 -20.07 4.04 -8.85
C VAL D 8 -20.16 2.54 -9.07
N LEU D 9 -20.49 1.81 -8.01
CA LEU D 9 -20.60 0.37 -8.09
C LEU D 9 -21.98 -0.03 -8.60
N VAL D 10 -23.01 0.60 -8.04
CA VAL D 10 -24.38 0.33 -8.44
C VAL D 10 -24.97 1.61 -8.99
N ASP D 11 -25.23 1.61 -10.30
CA ASP D 11 -25.79 2.77 -10.98
C ASP D 11 -27.30 2.65 -11.07
N ASN D 12 -28.00 3.46 -10.30
CA ASN D 12 -29.45 3.45 -10.30
C ASN D 12 -29.99 4.71 -10.96
N GLY D 13 -29.20 5.27 -11.88
CA GLY D 13 -29.60 6.46 -12.59
C GLY D 13 -29.49 7.75 -11.78
N GLY D 14 -28.27 8.06 -11.34
CA GLY D 14 -28.05 9.28 -10.57
C GLY D 14 -28.66 9.34 -9.19
N THR D 15 -29.90 8.90 -9.05
CA THR D 15 -30.58 8.93 -7.76
C THR D 15 -30.68 7.53 -7.14
N GLY D 16 -29.99 7.33 -6.02
CA GLY D 16 -30.00 6.05 -5.36
C GLY D 16 -28.78 5.24 -5.79
N ASP D 17 -27.76 5.95 -6.25
CA ASP D 17 -26.52 5.33 -6.71
C ASP D 17 -25.69 4.87 -5.53
N VAL D 18 -24.96 3.78 -5.71
CA VAL D 18 -24.10 3.31 -4.64
C VAL D 18 -22.66 3.55 -5.07
N THR D 19 -22.01 4.45 -4.35
CA THR D 19 -20.64 4.77 -4.63
C THR D 19 -19.78 4.03 -3.64
N VAL D 20 -18.63 3.57 -4.10
CA VAL D 20 -17.73 2.81 -3.26
C VAL D 20 -16.41 3.59 -3.30
N ALA D 21 -15.76 3.76 -2.15
CA ALA D 21 -14.52 4.53 -2.11
C ALA D 21 -13.35 3.84 -1.40
N PRO D 22 -12.12 4.28 -1.73
CA PRO D 22 -10.90 3.71 -1.14
C PRO D 22 -10.99 3.72 0.39
N SER D 23 -10.71 2.56 0.99
CA SER D 23 -10.77 2.43 2.44
C SER D 23 -9.56 1.71 3.00
N ASN D 24 -8.73 1.16 2.12
CA ASN D 24 -7.56 0.45 2.59
C ASN D 24 -6.63 0.00 1.48
N PHE D 25 -5.33 -0.01 1.77
CA PHE D 25 -4.33 -0.44 0.80
C PHE D 25 -3.27 -1.33 1.42
N ALA D 26 -3.58 -1.90 2.58
CA ALA D 26 -2.64 -2.77 3.27
C ALA D 26 -2.28 -3.98 2.41
N ASN D 27 -0.97 -4.24 2.31
CA ASN D 27 -0.44 -5.35 1.54
C ASN D 27 -0.71 -5.26 0.06
N GLY D 28 -0.79 -4.04 -0.46
CA GLY D 28 -1.04 -3.86 -1.88
C GLY D 28 -2.44 -4.24 -2.30
N VAL D 29 -3.24 -4.75 -1.36
CA VAL D 29 -4.61 -5.12 -1.67
C VAL D 29 -5.48 -3.87 -1.57
N ALA D 30 -6.07 -3.48 -2.70
CA ALA D 30 -6.92 -2.30 -2.74
C ALA D 30 -8.32 -2.63 -2.22
N GLU D 31 -8.87 -1.73 -1.42
CA GLU D 31 -10.21 -1.94 -0.88
C GLU D 31 -11.09 -0.70 -1.01
N TRP D 32 -12.36 -0.95 -1.33
CA TRP D 32 -13.35 0.11 -1.47
C TRP D 32 -14.57 -0.33 -0.66
N ILE D 33 -15.26 0.62 -0.07
CA ILE D 33 -16.47 0.28 0.69
C ILE D 33 -17.44 1.43 0.59
N SER D 34 -18.73 1.11 0.76
CA SER D 34 -19.77 2.13 0.72
C SER D 34 -19.86 2.75 2.11
N SER D 35 -20.53 3.89 2.20
CA SER D 35 -20.69 4.59 3.48
C SER D 35 -21.71 3.86 4.35
N ASN D 36 -21.29 2.73 4.92
CA ASN D 36 -22.16 1.91 5.75
C ASN D 36 -21.33 1.27 6.85
N SER D 37 -22.01 0.55 7.75
CA SER D 37 -21.31 -0.15 8.81
C SER D 37 -20.65 -1.27 8.01
N ARG D 38 -19.53 -1.78 8.49
CA ARG D 38 -18.85 -2.84 7.77
C ARG D 38 -19.75 -4.05 7.53
N SER D 39 -20.74 -4.23 8.41
CA SER D 39 -21.65 -5.35 8.28
C SER D 39 -22.65 -5.18 7.15
N GLN D 40 -22.99 -3.93 6.82
CA GLN D 40 -23.96 -3.68 5.76
C GLN D 40 -23.37 -3.02 4.52
N ALA D 41 -22.06 -2.84 4.50
CA ALA D 41 -21.42 -2.17 3.38
C ALA D 41 -21.28 -2.99 2.11
N TYR D 42 -20.95 -2.28 1.03
CA TYR D 42 -20.69 -2.89 -0.26
C TYR D 42 -19.18 -2.90 -0.22
N LYS D 43 -18.56 -4.04 -0.44
CA LYS D 43 -17.11 -4.08 -0.38
C LYS D 43 -16.51 -4.64 -1.65
N VAL D 44 -15.39 -4.04 -2.06
CA VAL D 44 -14.68 -4.49 -3.24
C VAL D 44 -13.19 -4.49 -2.95
N THR D 45 -12.52 -5.59 -3.26
CA THR D 45 -11.08 -5.68 -3.07
C THR D 45 -10.47 -6.23 -4.34
N CYS D 46 -9.25 -5.81 -4.63
CA CYS D 46 -8.56 -6.26 -5.83
C CYS D 46 -7.07 -6.36 -5.60
N SER D 47 -6.44 -7.34 -6.23
CA SER D 47 -5.00 -7.53 -6.10
C SER D 47 -4.47 -8.35 -7.26
N VAL D 48 -3.19 -8.17 -7.59
CA VAL D 48 -2.57 -8.90 -8.68
C VAL D 48 -1.28 -9.52 -8.21
N ARG D 49 -0.95 -10.66 -8.77
CA ARG D 49 0.28 -11.34 -8.42
C ARG D 49 0.65 -12.30 -9.52
N GLN D 50 1.92 -12.69 -9.57
CA GLN D 50 2.38 -13.64 -10.56
C GLN D 50 2.11 -14.99 -9.89
N SER D 51 1.01 -15.63 -10.25
CA SER D 51 0.61 -16.90 -9.66
C SER D 51 1.54 -18.06 -10.05
N SER D 52 2.19 -17.92 -11.19
CA SER D 52 3.10 -18.94 -11.68
C SER D 52 4.06 -18.32 -12.69
N ALA D 53 4.96 -19.13 -13.24
CA ALA D 53 5.94 -18.64 -14.20
C ALA D 53 5.33 -18.05 -15.46
N GLN D 54 4.25 -18.65 -15.95
CA GLN D 54 3.61 -18.18 -17.17
C GLN D 54 2.37 -17.33 -16.96
N ASN D 55 1.83 -17.34 -15.74
CA ASN D 55 0.62 -16.59 -15.49
C ASN D 55 0.67 -15.50 -14.44
N ARG D 56 -0.26 -14.56 -14.58
CA ARG D 56 -0.45 -13.47 -13.64
C ARG D 56 -1.90 -13.68 -13.24
N LYS D 57 -2.25 -13.40 -12.00
CA LYS D 57 -3.61 -13.62 -11.57
C LYS D 57 -4.19 -12.44 -10.80
N TYR D 58 -5.39 -12.01 -11.22
CA TYR D 58 -6.08 -10.91 -10.56
C TYR D 58 -7.13 -11.56 -9.68
N THR D 59 -7.22 -11.13 -8.43
CA THR D 59 -8.23 -11.68 -7.55
C THR D 59 -9.12 -10.52 -7.14
N ILE D 60 -10.38 -10.61 -7.54
CA ILE D 60 -11.35 -9.58 -7.24
C ILE D 60 -12.45 -10.17 -6.38
N LYS D 61 -12.78 -9.48 -5.31
CA LYS D 61 -13.83 -9.96 -4.42
C LYS D 61 -14.81 -8.83 -4.19
N VAL D 62 -16.09 -9.19 -4.14
CA VAL D 62 -17.13 -8.21 -3.92
C VAL D 62 -18.12 -8.74 -2.90
N GLU D 63 -18.60 -7.86 -2.04
CA GLU D 63 -19.57 -8.22 -1.04
C GLU D 63 -20.77 -7.32 -1.22
N VAL D 64 -21.93 -7.92 -1.42
CA VAL D 64 -23.16 -7.15 -1.60
C VAL D 64 -24.13 -7.46 -0.47
N PRO D 65 -24.70 -6.40 0.14
CA PRO D 65 -25.65 -6.56 1.25
C PRO D 65 -27.06 -6.91 0.80
N LYS D 66 -27.75 -7.73 1.58
CA LYS D 66 -29.13 -8.07 1.26
C LYS D 66 -29.89 -6.84 1.74
N VAL D 67 -30.63 -6.19 0.85
CA VAL D 67 -31.33 -4.97 1.22
C VAL D 67 -32.81 -5.12 1.61
N ALA D 68 -33.51 -6.07 0.99
CA ALA D 68 -34.92 -6.26 1.30
C ALA D 68 -35.13 -6.52 2.80
N THR D 69 -35.96 -5.70 3.43
CA THR D 69 -36.28 -5.77 4.87
C THR D 69 -35.08 -5.48 5.77
N GLN D 70 -34.06 -4.85 5.22
CA GLN D 70 -32.88 -4.51 6.00
C GLN D 70 -33.20 -3.38 6.99
N THR D 71 -32.49 -3.37 8.12
CA THR D 71 -32.65 -2.35 9.15
C THR D 71 -31.32 -1.59 9.20
N VAL D 72 -31.27 -0.46 8.51
CA VAL D 72 -30.07 0.35 8.44
C VAL D 72 -29.40 0.65 9.78
N GLY D 73 -28.14 0.26 9.89
CA GLY D 73 -27.36 0.50 11.09
C GLY D 73 -27.66 -0.47 12.22
N GLY D 74 -28.52 -1.44 11.94
CA GLY D 74 -28.88 -2.41 12.97
C GLY D 74 -27.98 -3.61 12.95
N VAL D 75 -28.13 -4.47 13.95
CA VAL D 75 -27.36 -5.69 14.07
C VAL D 75 -28.18 -6.82 13.46
N GLU D 76 -27.76 -7.32 12.30
CA GLU D 76 -28.47 -8.39 11.63
C GLU D 76 -27.71 -9.71 11.64
N LEU D 77 -28.25 -10.70 12.33
CA LEU D 77 -27.63 -12.01 12.43
C LEU D 77 -28.63 -13.05 11.94
N PRO D 78 -28.15 -14.13 11.30
CA PRO D 78 -26.75 -14.46 11.02
C PRO D 78 -26.24 -13.75 9.77
N VAL D 79 -24.97 -13.36 9.83
CA VAL D 79 -24.29 -12.66 8.75
C VAL D 79 -24.49 -13.31 7.38
N ALA D 80 -24.41 -14.64 7.35
CA ALA D 80 -24.55 -15.39 6.11
C ALA D 80 -25.90 -15.23 5.44
N ALA D 81 -26.90 -14.83 6.20
CA ALA D 81 -28.24 -14.66 5.66
C ALA D 81 -28.40 -13.30 5.04
N TRP D 82 -27.50 -12.38 5.39
CA TRP D 82 -27.60 -11.03 4.90
C TRP D 82 -26.54 -10.58 3.90
N ARG D 83 -25.71 -11.50 3.42
CA ARG D 83 -24.68 -11.10 2.49
C ARG D 83 -24.38 -12.06 1.35
N SER D 84 -24.04 -11.49 0.20
CA SER D 84 -23.69 -12.26 -0.98
C SER D 84 -22.22 -12.01 -1.26
N TYR D 85 -21.50 -13.05 -1.60
CA TYR D 85 -20.07 -12.93 -1.87
C TYR D 85 -19.72 -13.34 -3.29
N LEU D 86 -18.96 -12.48 -3.95
CA LEU D 86 -18.52 -12.75 -5.31
C LEU D 86 -17.01 -12.86 -5.30
N ASN D 87 -16.49 -13.98 -5.80
CA ASN D 87 -15.06 -14.18 -5.87
C ASN D 87 -14.67 -14.41 -7.32
N MET D 88 -13.86 -13.51 -7.85
CA MET D 88 -13.41 -13.61 -9.22
C MET D 88 -11.91 -13.83 -9.26
N GLU D 89 -11.48 -14.75 -10.11
CA GLU D 89 -10.07 -15.05 -10.27
C GLU D 89 -9.78 -15.04 -11.77
N LEU D 90 -9.00 -14.05 -12.20
CA LEU D 90 -8.64 -13.90 -13.59
C LEU D 90 -7.17 -14.26 -13.81
N THR D 91 -6.95 -15.29 -14.62
CA THR D 91 -5.59 -15.74 -14.92
C THR D 91 -5.24 -15.28 -16.32
N ILE D 92 -4.13 -14.54 -16.44
CA ILE D 92 -3.69 -14.03 -17.74
C ILE D 92 -2.24 -14.39 -18.01
N PRO D 93 -1.98 -15.14 -19.10
CA PRO D 93 -0.63 -15.55 -19.47
C PRO D 93 0.26 -14.32 -19.65
N ILE D 94 1.52 -14.40 -19.23
CA ILE D 94 2.44 -13.28 -19.33
C ILE D 94 2.68 -12.74 -20.74
N PHE D 95 2.16 -13.45 -21.75
CA PHE D 95 2.34 -13.01 -23.14
C PHE D 95 1.27 -12.02 -23.59
N ALA D 96 0.18 -11.96 -22.83
CA ALA D 96 -0.93 -11.08 -23.16
C ALA D 96 -0.51 -9.62 -23.21
N THR D 97 -0.73 -8.98 -24.35
CA THR D 97 -0.39 -7.59 -24.52
C THR D 97 -1.56 -6.78 -23.99
N ASN D 98 -1.43 -5.46 -24.03
CA ASN D 98 -2.50 -4.59 -23.56
C ASN D 98 -3.76 -4.86 -24.40
N SER D 99 -3.58 -4.98 -25.71
CA SER D 99 -4.68 -5.25 -26.61
C SER D 99 -5.41 -6.52 -26.18
N ASP D 100 -4.65 -7.58 -25.96
CA ASP D 100 -5.22 -8.84 -25.53
C ASP D 100 -6.07 -8.62 -24.29
N CYS D 101 -5.51 -7.92 -23.31
CA CYS D 101 -6.21 -7.65 -22.07
C CYS D 101 -7.48 -6.83 -22.24
N GLU D 102 -7.50 -5.95 -23.24
CA GLU D 102 -8.70 -5.16 -23.49
C GLU D 102 -9.79 -6.12 -23.92
N LEU D 103 -9.42 -7.08 -24.75
CA LEU D 103 -10.35 -8.08 -25.23
C LEU D 103 -10.93 -8.86 -24.07
N ILE D 104 -10.06 -9.30 -23.18
CA ILE D 104 -10.49 -10.05 -22.01
C ILE D 104 -11.51 -9.26 -21.22
N VAL D 105 -11.23 -7.97 -21.01
CA VAL D 105 -12.15 -7.13 -20.27
C VAL D 105 -13.50 -7.09 -20.98
N LYS D 106 -13.47 -6.91 -22.30
CA LYS D 106 -14.70 -6.87 -23.09
C LYS D 106 -15.50 -8.14 -22.85
N ALA D 107 -14.84 -9.28 -22.96
CA ALA D 107 -15.48 -10.58 -22.74
C ALA D 107 -16.21 -10.58 -21.40
N MET D 108 -15.58 -10.02 -20.39
CA MET D 108 -16.18 -9.96 -19.05
C MET D 108 -17.41 -9.07 -19.04
N GLN D 109 -17.33 -7.95 -19.74
CA GLN D 109 -18.46 -7.02 -19.81
C GLN D 109 -19.62 -7.67 -20.56
N GLY D 110 -19.29 -8.38 -21.64
CA GLY D 110 -20.30 -9.03 -22.43
C GLY D 110 -21.02 -10.13 -21.66
N LEU D 111 -20.23 -10.88 -20.90
CA LEU D 111 -20.77 -11.96 -20.09
C LEU D 111 -21.89 -11.45 -19.18
N LEU D 112 -21.71 -10.24 -18.64
CA LEU D 112 -22.69 -9.67 -17.72
C LEU D 112 -23.61 -8.57 -18.25
N LYS D 113 -23.59 -8.33 -19.56
CA LYS D 113 -24.45 -7.30 -20.12
C LYS D 113 -25.92 -7.60 -19.85
N ASP D 114 -26.71 -6.55 -19.64
CA ASP D 114 -28.13 -6.71 -19.39
C ASP D 114 -28.79 -7.49 -20.52
N GLY D 115 -29.67 -8.42 -20.17
CA GLY D 115 -30.35 -9.22 -21.17
C GLY D 115 -29.71 -10.54 -21.50
N ASN D 116 -28.44 -10.71 -21.15
CA ASN D 116 -27.75 -11.95 -21.43
C ASN D 116 -28.10 -13.03 -20.41
N PRO D 117 -27.97 -14.31 -20.80
CA PRO D 117 -28.27 -15.45 -19.94
C PRO D 117 -27.85 -15.37 -18.48
N ILE D 118 -26.54 -15.36 -18.23
CA ILE D 118 -26.02 -15.32 -16.85
C ILE D 118 -26.65 -14.25 -15.97
N PRO D 119 -26.51 -12.96 -16.33
CA PRO D 119 -27.14 -11.97 -15.45
C PRO D 119 -28.63 -12.19 -15.28
N SER D 120 -29.30 -12.59 -16.36
CA SER D 120 -30.73 -12.84 -16.33
C SER D 120 -31.06 -13.93 -15.33
N ALA D 121 -30.33 -15.03 -15.40
CA ALA D 121 -30.56 -16.14 -14.50
C ALA D 121 -30.42 -15.68 -13.04
N ILE D 122 -29.27 -15.08 -12.73
CA ILE D 122 -28.99 -14.60 -11.39
C ILE D 122 -30.07 -13.68 -10.87
N ALA D 123 -30.37 -12.66 -11.65
CA ALA D 123 -31.38 -11.68 -11.27
C ALA D 123 -32.74 -12.30 -10.99
N ALA D 124 -32.97 -13.48 -11.54
CA ALA D 124 -34.26 -14.13 -11.37
C ALA D 124 -34.25 -15.31 -10.40
N ASN D 125 -33.19 -15.44 -9.61
CA ASN D 125 -33.12 -16.55 -8.65
C ASN D 125 -33.25 -17.89 -9.36
N SER D 126 -32.80 -17.95 -10.61
CA SER D 126 -32.89 -19.18 -11.39
C SER D 126 -31.57 -19.67 -11.95
N GLY D 127 -31.64 -20.84 -12.58
CA GLY D 127 -30.47 -21.41 -13.20
C GLY D 127 -30.71 -21.31 -14.70
N ILE D 128 -30.11 -22.20 -15.48
CA ILE D 128 -30.28 -22.20 -16.92
C ILE D 128 -31.36 -23.22 -17.28
N TYR D 129 -32.16 -22.91 -18.30
CA TYR D 129 -33.22 -23.81 -18.72
C TYR D 129 -33.71 -23.46 -20.12
N ALA E 1 -0.50 11.02 1.00
CA ALA E 1 0.86 10.89 0.40
C ALA E 1 1.17 9.43 0.02
N SER E 2 2.09 9.27 -0.93
CA SER E 2 2.49 7.94 -1.38
C SER E 2 3.64 8.04 -2.37
N ASN E 3 4.64 7.19 -2.19
CA ASN E 3 5.77 7.18 -3.10
C ASN E 3 5.73 5.89 -3.92
N PHE E 4 4.67 5.11 -3.72
CA PHE E 4 4.47 3.86 -4.46
C PHE E 4 3.65 4.23 -5.69
N THR E 5 4.22 5.10 -6.52
CA THR E 5 3.56 5.57 -7.72
C THR E 5 4.33 5.13 -8.95
N GLN E 6 3.82 5.49 -10.11
CA GLN E 6 4.51 5.14 -11.34
C GLN E 6 5.55 6.21 -11.64
N PHE E 7 6.64 5.79 -12.28
CA PHE E 7 7.70 6.74 -12.61
C PHE E 7 8.42 6.33 -13.88
N VAL E 8 9.18 7.27 -14.44
CA VAL E 8 9.93 7.03 -15.65
C VAL E 8 11.26 6.37 -15.29
N LEU E 9 11.42 5.12 -15.71
CA LEU E 9 12.64 4.38 -15.43
C LEU E 9 13.69 4.73 -16.46
N VAL E 10 13.25 4.89 -17.71
CA VAL E 10 14.16 5.23 -18.79
C VAL E 10 13.66 6.47 -19.51
N ASP E 11 14.51 7.50 -19.52
CA ASP E 11 14.19 8.77 -20.15
C ASP E 11 14.75 8.83 -21.57
N ASN E 12 14.07 8.19 -22.51
CA ASN E 12 14.50 8.16 -23.89
C ASN E 12 13.91 9.36 -24.62
N GLY E 13 14.36 10.54 -24.23
CA GLY E 13 13.84 11.76 -24.84
C GLY E 13 12.54 12.07 -24.14
N GLY E 14 11.46 12.15 -24.91
CA GLY E 14 10.16 12.45 -24.32
C GLY E 14 9.11 11.54 -24.94
N THR E 15 9.57 10.58 -25.73
CA THR E 15 8.67 9.64 -26.40
C THR E 15 8.93 8.17 -26.03
N GLY E 16 10.09 7.65 -26.44
CA GLY E 16 10.43 6.27 -26.14
C GLY E 16 10.68 6.03 -24.66
N ASP E 17 10.03 6.84 -23.82
CA ASP E 17 10.15 6.75 -22.37
C ASP E 17 9.59 5.46 -21.80
N VAL E 18 10.38 4.78 -20.98
CA VAL E 18 9.92 3.56 -20.35
C VAL E 18 9.44 3.92 -18.95
N THR E 19 8.16 3.68 -18.71
CA THR E 19 7.52 3.98 -17.44
C THR E 19 7.14 2.68 -16.74
N VAL E 20 7.36 2.64 -15.43
CA VAL E 20 6.98 1.46 -14.68
C VAL E 20 5.89 1.88 -13.71
N ALA E 21 4.92 1.01 -13.49
CA ALA E 21 3.82 1.32 -12.60
C ALA E 21 3.69 0.30 -11.49
N PRO E 22 3.22 0.73 -10.32
CA PRO E 22 3.04 -0.18 -9.18
C PRO E 22 2.24 -1.40 -9.65
N SER E 23 2.66 -2.58 -9.25
CA SER E 23 1.96 -3.78 -9.66
C SER E 23 1.60 -4.64 -8.45
N ASN E 24 2.49 -4.65 -7.47
CA ASN E 24 2.26 -5.46 -6.30
C ASN E 24 3.13 -4.98 -5.15
N PHE E 25 2.64 -5.16 -3.93
CA PHE E 25 3.37 -4.76 -2.74
C PHE E 25 3.14 -5.79 -1.64
N ALA E 26 3.47 -7.05 -1.94
CA ALA E 26 3.29 -8.13 -0.99
C ALA E 26 4.54 -8.49 -0.21
N ASN E 27 4.34 -8.88 1.04
CA ASN E 27 5.44 -9.27 1.93
C ASN E 27 6.55 -8.24 2.00
N GLY E 28 6.18 -6.97 2.11
CA GLY E 28 7.17 -5.91 2.21
C GLY E 28 8.03 -5.66 0.99
N VAL E 29 7.63 -6.18 -0.17
CA VAL E 29 8.42 -5.95 -1.38
C VAL E 29 7.60 -5.17 -2.40
N ALA E 30 7.98 -3.93 -2.64
CA ALA E 30 7.28 -3.09 -3.62
C ALA E 30 7.76 -3.49 -5.01
N GLU E 31 6.84 -3.59 -5.96
CA GLU E 31 7.19 -3.97 -7.32
C GLU E 31 6.50 -3.12 -8.39
N TRP E 32 7.30 -2.64 -9.32
CA TRP E 32 6.80 -1.83 -10.44
C TRP E 32 7.05 -2.64 -11.71
N ILE E 33 6.17 -2.46 -12.70
CA ILE E 33 6.31 -3.17 -13.97
C ILE E 33 5.87 -2.24 -15.09
N SER E 34 6.54 -2.33 -16.23
CA SER E 34 6.18 -1.50 -17.38
C SER E 34 4.96 -2.15 -18.07
N SER E 35 4.27 -1.39 -18.92
CA SER E 35 3.07 -1.90 -19.60
C SER E 35 3.31 -2.93 -20.70
N ASN E 36 2.21 -3.55 -21.13
CA ASN E 36 2.22 -4.58 -22.16
C ASN E 36 2.73 -5.93 -21.65
N SER E 37 2.89 -6.89 -22.55
CA SER E 37 3.33 -8.23 -22.17
C SER E 37 4.30 -8.26 -21.00
N ARG E 38 3.87 -8.90 -19.91
CA ARG E 38 4.68 -9.04 -18.72
C ARG E 38 5.99 -9.71 -19.13
N SER E 39 5.89 -10.59 -20.13
CA SER E 39 7.05 -11.33 -20.64
C SER E 39 8.16 -10.41 -21.16
N GLN E 40 7.78 -9.21 -21.61
CA GLN E 40 8.75 -8.26 -22.13
C GLN E 40 8.85 -7.00 -21.28
N ALA E 41 8.32 -7.05 -20.08
CA ALA E 41 8.31 -5.87 -19.22
C ALA E 41 9.57 -5.61 -18.42
N TYR E 42 9.74 -4.35 -18.03
CA TYR E 42 10.86 -3.94 -17.20
C TYR E 42 10.35 -4.18 -15.80
N LYS E 43 11.24 -4.56 -14.89
CA LYS E 43 10.81 -4.82 -13.53
C LYS E 43 11.70 -4.16 -12.50
N VAL E 44 11.09 -3.60 -11.48
CA VAL E 44 11.81 -2.94 -10.41
C VAL E 44 11.19 -3.33 -9.09
N THR E 45 12.02 -3.74 -8.15
CA THR E 45 11.52 -4.10 -6.83
C THR E 45 12.38 -3.41 -5.80
N CYS E 46 11.78 -3.12 -4.67
CA CYS E 46 12.48 -2.45 -3.59
C CYS E 46 11.91 -2.88 -2.26
N SER E 47 12.78 -2.99 -1.27
CA SER E 47 12.35 -3.37 0.05
C SER E 47 13.38 -2.93 1.08
N VAL E 48 12.91 -2.59 2.27
CA VAL E 48 13.78 -2.18 3.35
C VAL E 48 13.53 -3.08 4.53
N ARG E 49 14.53 -3.20 5.38
CA ARG E 49 14.40 -4.04 6.56
C ARG E 49 15.56 -3.79 7.50
N GLN E 50 15.34 -4.06 8.78
CA GLN E 50 16.38 -3.88 9.77
C GLN E 50 17.25 -5.13 9.70
N SER E 51 18.39 -5.02 9.02
CA SER E 51 19.31 -6.14 8.86
C SER E 51 20.01 -6.49 10.17
N SER E 52 20.13 -5.52 11.05
CA SER E 52 20.77 -5.71 12.33
C SER E 52 20.33 -4.63 13.31
N ALA E 53 20.80 -4.72 14.55
CA ALA E 53 20.44 -3.76 15.57
C ALA E 53 20.71 -2.32 15.17
N GLN E 54 21.80 -2.08 14.45
CA GLN E 54 22.17 -0.73 14.05
C GLN E 54 22.02 -0.41 12.57
N ASN E 55 21.75 -1.43 11.76
CA ASN E 55 21.64 -1.20 10.32
C ASN E 55 20.27 -1.47 9.69
N ARG E 56 19.96 -0.66 8.69
CA ARG E 56 18.73 -0.81 7.92
C ARG E 56 19.27 -1.11 6.53
N LYS E 57 18.70 -2.11 5.87
CA LYS E 57 19.17 -2.49 4.55
C LYS E 57 18.12 -2.35 3.45
N TYR E 58 18.49 -1.70 2.36
CA TYR E 58 17.60 -1.53 1.22
C TYR E 58 18.03 -2.55 0.18
N THR E 59 17.08 -3.24 -0.42
CA THR E 59 17.41 -4.21 -1.48
C THR E 59 16.61 -3.80 -2.71
N ILE E 60 17.31 -3.26 -3.70
CA ILE E 60 16.68 -2.81 -4.94
C ILE E 60 17.08 -3.70 -6.11
N LYS E 61 16.12 -3.98 -7.00
CA LYS E 61 16.41 -4.82 -8.15
C LYS E 61 15.74 -4.28 -9.39
N VAL E 62 16.46 -4.34 -10.50
CA VAL E 62 15.95 -3.87 -11.77
C VAL E 62 16.25 -4.93 -12.84
N GLU E 63 15.30 -5.09 -13.77
CA GLU E 63 15.44 -6.04 -14.85
C GLU E 63 15.23 -5.29 -16.15
N VAL E 64 16.19 -5.35 -17.05
CA VAL E 64 16.05 -4.70 -18.33
C VAL E 64 15.99 -5.81 -19.36
N PRO E 65 14.85 -5.91 -20.06
CA PRO E 65 14.68 -6.95 -21.07
C PRO E 65 15.10 -6.54 -22.46
N LYS E 66 15.44 -7.54 -23.27
CA LYS E 66 15.81 -7.35 -24.66
C LYS E 66 14.60 -7.88 -25.39
N VAL E 67 13.74 -6.97 -25.85
CA VAL E 67 12.53 -7.35 -26.54
C VAL E 67 12.78 -8.13 -27.82
N ALA E 68 12.04 -9.21 -27.99
CA ALA E 68 12.17 -10.06 -29.16
C ALA E 68 10.92 -10.92 -29.35
N THR E 69 10.75 -11.46 -30.55
CA THR E 69 9.61 -12.31 -30.85
C THR E 69 10.07 -13.73 -31.07
N GLN E 70 9.61 -14.64 -30.23
CA GLN E 70 9.99 -16.04 -30.37
C GLN E 70 8.97 -16.76 -31.23
N THR E 71 9.46 -17.49 -32.22
CA THR E 71 8.59 -18.25 -33.12
C THR E 71 8.92 -19.73 -33.05
N VAL E 72 7.98 -20.52 -32.54
CA VAL E 72 8.18 -21.96 -32.43
C VAL E 72 6.98 -22.70 -32.99
N GLY E 73 7.22 -23.46 -34.06
CA GLY E 73 6.14 -24.21 -34.68
C GLY E 73 5.17 -23.29 -35.40
N GLY E 74 5.68 -22.14 -35.85
CA GLY E 74 4.82 -21.20 -36.56
C GLY E 74 4.04 -20.31 -35.62
N VAL E 75 4.21 -20.53 -34.32
CA VAL E 75 3.51 -19.75 -33.30
C VAL E 75 4.45 -18.72 -32.69
N GLU E 76 4.17 -17.43 -32.87
CA GLU E 76 5.04 -16.43 -32.29
C GLU E 76 4.49 -15.80 -31.02
N LEU E 77 5.38 -15.64 -30.04
CA LEU E 77 5.04 -15.05 -28.76
C LEU E 77 5.99 -13.91 -28.45
N PRO E 78 5.50 -12.88 -27.75
CA PRO E 78 6.37 -11.76 -27.40
C PRO E 78 7.17 -12.21 -26.19
N VAL E 79 8.48 -12.20 -26.30
CA VAL E 79 9.31 -12.63 -25.18
C VAL E 79 10.51 -11.70 -25.01
N ALA E 80 11.43 -12.11 -24.15
CA ALA E 80 12.64 -11.34 -23.92
C ALA E 80 13.78 -12.27 -24.30
N ALA E 81 14.56 -11.88 -25.32
CA ALA E 81 15.69 -12.69 -25.76
C ALA E 81 16.58 -13.02 -24.56
N TRP E 82 16.76 -12.02 -23.68
CA TRP E 82 17.56 -12.17 -22.47
C TRP E 82 17.26 -10.96 -21.58
N ARG E 83 17.85 -10.94 -20.39
CA ARG E 83 17.62 -9.83 -19.47
C ARG E 83 18.89 -9.45 -18.73
N SER E 84 19.05 -8.15 -18.52
CA SER E 84 20.18 -7.64 -17.77
C SER E 84 19.64 -7.51 -16.35
N TYR E 85 20.39 -7.99 -15.36
CA TYR E 85 19.94 -7.94 -13.97
C TYR E 85 20.77 -7.04 -13.06
N LEU E 86 20.13 -6.05 -12.45
CA LEU E 86 20.80 -5.15 -11.53
C LEU E 86 20.33 -5.48 -10.13
N ASN E 87 21.27 -5.75 -9.24
CA ASN E 87 20.92 -6.05 -7.85
C ASN E 87 21.76 -5.21 -6.92
N MET E 88 21.14 -4.26 -6.22
CA MET E 88 21.90 -3.46 -5.27
C MET E 88 21.38 -3.53 -3.86
N GLU E 89 22.31 -3.46 -2.91
CA GLU E 89 22.01 -3.50 -1.49
C GLU E 89 22.66 -2.28 -0.86
N LEU E 90 21.87 -1.51 -0.12
CA LEU E 90 22.37 -0.32 0.53
C LEU E 90 22.17 -0.45 2.03
N THR E 91 23.26 -0.42 2.78
CA THR E 91 23.18 -0.53 4.23
C THR E 91 23.41 0.82 4.86
N ILE E 92 22.44 1.27 5.66
CA ILE E 92 22.55 2.56 6.34
C ILE E 92 22.30 2.41 7.84
N PRO E 93 23.27 2.87 8.66
CA PRO E 93 23.16 2.79 10.12
C PRO E 93 22.04 3.70 10.63
N ILE E 94 21.37 3.27 11.69
CA ILE E 94 20.26 4.03 12.26
C ILE E 94 20.61 5.42 12.82
N PHE E 95 21.89 5.76 12.79
CA PHE E 95 22.33 7.06 13.30
C PHE E 95 22.28 8.09 12.20
N ALA E 96 22.10 7.63 10.96
CA ALA E 96 22.06 8.53 9.82
C ALA E 96 20.86 9.44 9.89
N THR E 97 21.11 10.73 9.73
CA THR E 97 20.05 11.71 9.73
C THR E 97 19.59 11.88 8.29
N ASN E 98 18.56 12.68 8.07
CA ASN E 98 18.06 12.89 6.72
C ASN E 98 19.15 13.50 5.85
N SER E 99 19.94 14.40 6.43
CA SER E 99 21.01 15.04 5.68
C SER E 99 22.02 13.98 5.27
N ASP E 100 22.34 13.07 6.20
CA ASP E 100 23.28 12.00 5.93
C ASP E 100 22.77 11.16 4.76
N CYS E 101 21.47 10.90 4.75
CA CYS E 101 20.87 10.10 3.71
C CYS E 101 20.86 10.83 2.37
N GLU E 102 20.61 12.14 2.41
CA GLU E 102 20.60 12.94 1.20
C GLU E 102 21.95 12.82 0.53
N LEU E 103 22.99 12.79 1.35
CA LEU E 103 24.36 12.67 0.88
C LEU E 103 24.57 11.34 0.18
N ILE E 104 24.17 10.26 0.85
CA ILE E 104 24.29 8.93 0.30
C ILE E 104 23.66 8.86 -1.08
N VAL E 105 22.49 9.46 -1.23
CA VAL E 105 21.81 9.46 -2.51
C VAL E 105 22.66 10.19 -3.56
N LYS E 106 23.15 11.37 -3.19
CA LYS E 106 23.99 12.14 -4.10
C LYS E 106 25.16 11.28 -4.57
N ALA E 107 25.78 10.56 -3.64
CA ALA E 107 26.90 9.70 -3.98
C ALA E 107 26.50 8.70 -5.06
N MET E 108 25.33 8.11 -4.90
CA MET E 108 24.84 7.13 -5.87
C MET E 108 24.61 7.77 -7.22
N GLN E 109 24.01 8.96 -7.21
CA GLN E 109 23.73 9.67 -8.45
C GLN E 109 25.02 10.05 -9.17
N GLY E 110 26.02 10.48 -8.40
CA GLY E 110 27.29 10.87 -8.99
C GLY E 110 28.00 9.67 -9.59
N LEU E 111 27.96 8.55 -8.88
CA LEU E 111 28.60 7.34 -9.35
C LEU E 111 28.12 6.97 -10.76
N LEU E 112 26.86 7.26 -11.05
CA LEU E 112 26.31 6.92 -12.37
C LEU E 112 26.10 8.08 -13.33
N LYS E 113 26.50 9.28 -12.93
CA LYS E 113 26.34 10.45 -13.80
C LYS E 113 27.03 10.26 -15.14
N ASP E 114 26.42 10.79 -16.19
CA ASP E 114 26.97 10.70 -17.54
C ASP E 114 28.39 11.24 -17.58
N GLY E 115 29.30 10.47 -18.20
CA GLY E 115 30.67 10.91 -18.32
C GLY E 115 31.65 10.32 -17.33
N ASN E 116 31.16 9.89 -16.18
CA ASN E 116 32.03 9.31 -15.17
C ASN E 116 32.48 7.91 -15.54
N PRO E 117 33.58 7.43 -14.94
CA PRO E 117 34.14 6.12 -15.22
C PRO E 117 33.19 4.92 -15.32
N ILE E 118 32.55 4.55 -14.21
CA ILE E 118 31.65 3.39 -14.21
C ILE E 118 30.57 3.38 -15.31
N PRO E 119 29.75 4.44 -15.39
CA PRO E 119 28.72 4.41 -16.44
C PRO E 119 29.31 4.32 -17.85
N SER E 120 30.40 5.03 -18.08
CA SER E 120 31.06 5.01 -19.38
C SER E 120 31.50 3.61 -19.74
N ALA E 121 32.15 2.94 -18.79
CA ALA E 121 32.63 1.58 -18.99
C ALA E 121 31.49 0.63 -19.36
N ILE E 122 30.43 0.67 -18.56
CA ILE E 122 29.27 -0.18 -18.78
C ILE E 122 28.62 0.07 -20.15
N ALA E 123 28.37 1.34 -20.44
CA ALA E 123 27.74 1.73 -21.69
C ALA E 123 28.57 1.35 -22.92
N ALA E 124 29.81 0.94 -22.69
CA ALA E 124 30.66 0.58 -23.82
C ALA E 124 31.19 -0.84 -23.76
N ASN E 125 30.46 -1.72 -23.07
CA ASN E 125 30.89 -3.11 -22.97
C ASN E 125 32.32 -3.17 -22.49
N SER E 126 32.76 -2.17 -21.73
CA SER E 126 34.14 -2.14 -21.26
C SER E 126 34.29 -2.18 -19.75
N GLY E 127 35.53 -2.34 -19.31
CA GLY E 127 35.86 -2.35 -17.90
C GLY E 127 36.67 -1.11 -17.64
N ILE E 128 37.50 -1.13 -16.61
CA ILE E 128 38.33 0.01 -16.29
C ILE E 128 39.71 -0.16 -16.94
N TYR E 129 40.28 0.94 -17.42
CA TYR E 129 41.59 0.89 -18.07
C TYR E 129 42.29 2.23 -17.99
#